data_5CWJ
#
_entry.id   5CWJ
#
_cell.length_a   80.890
_cell.length_b   80.890
_cell.length_c   46.710
_cell.angle_alpha   90.000
_cell.angle_beta   90.000
_cell.angle_gamma   90.000
#
_symmetry.space_group_name_H-M   'I 41'
#
loop_
_entity.id
_entity.type
_entity.pdbx_description
1 polymer 'Designed helical repeat protein'
2 water water
#
_entity_poly.entity_id   1
_entity_poly.type   'polypeptide(L)'
_entity_poly.pdbx_seq_one_letter_code
;MDSEEEQERIRRILKEARKSGTEESLRQAIEDVAQLAKKSQDSEVLEEAIRVILRIAKESGSEEALRQAIRAVAEIAKEA
QDSEVLEEAIRVILRIAKESGSEEALRQAIRAVAEIAKEAQDPRVLEEAIRVIRQIAEESGSEEARRQAERAEEEIRRRA
QGWLEHHHHHH
;
_entity_poly.pdbx_strand_id   A
#
# COMPACT_ATOMS: atom_id res chain seq x y z
N ASP A 2 -0.71 -14.32 -19.97
CA ASP A 2 -2.12 -14.45 -19.61
C ASP A 2 -2.39 -13.83 -18.23
N SER A 3 -3.59 -13.32 -18.05
CA SER A 3 -3.96 -12.65 -16.81
C SER A 3 -4.30 -13.65 -15.70
N GLU A 4 -5.21 -14.58 -15.99
N GLU A 4 -5.22 -14.57 -16.00
CA GLU A 4 -5.63 -15.56 -15.01
CA GLU A 4 -5.63 -15.58 -15.04
C GLU A 4 -4.47 -16.49 -14.65
C GLU A 4 -4.46 -16.47 -14.65
N GLU A 5 -3.48 -16.57 -15.55
CA GLU A 5 -2.26 -17.31 -15.28
C GLU A 5 -1.49 -16.66 -14.15
N GLU A 6 -1.24 -15.36 -14.29
CA GLU A 6 -0.50 -14.62 -13.29
C GLU A 6 -1.26 -14.56 -11.97
N GLN A 7 -2.58 -14.35 -12.06
CA GLN A 7 -3.40 -14.26 -10.86
C GLN A 7 -3.37 -15.55 -10.05
N GLU A 8 -3.39 -16.68 -10.74
CA GLU A 8 -3.33 -17.96 -10.06
C GLU A 8 -1.98 -18.12 -9.37
N ARG A 9 -0.93 -17.68 -10.05
N ARG A 9 -0.92 -17.69 -10.04
CA ARG A 9 0.43 -17.72 -9.51
CA ARG A 9 0.43 -17.75 -9.46
C ARG A 9 0.51 -16.92 -8.22
C ARG A 9 0.50 -16.92 -8.18
N ILE A 10 -0.11 -15.75 -8.21
CA ILE A 10 -0.13 -14.87 -7.04
C ILE A 10 -0.87 -15.54 -5.89
N ARG A 11 -2.05 -16.07 -6.17
CA ARG A 11 -2.86 -16.73 -5.16
C ARG A 11 -2.11 -17.92 -4.57
N ARG A 12 -1.36 -18.62 -5.42
CA ARG A 12 -0.64 -19.80 -4.98
C ARG A 12 0.51 -19.42 -4.05
N ILE A 13 1.14 -18.28 -4.29
CA ILE A 13 2.20 -17.80 -3.41
C ILE A 13 1.66 -17.67 -1.99
N LEU A 14 0.47 -17.10 -1.86
CA LEU A 14 -0.19 -16.97 -0.57
C LEU A 14 -0.50 -18.35 0.00
N LYS A 15 -1.06 -19.22 -0.83
N LYS A 15 -1.09 -19.21 -0.82
CA LYS A 15 -1.42 -20.57 -0.41
CA LYS A 15 -1.41 -20.57 -0.42
C LYS A 15 -0.18 -21.34 0.06
C LYS A 15 -0.17 -21.30 0.10
N GLU A 16 0.91 -21.22 -0.68
CA GLU A 16 2.15 -21.93 -0.33
C GLU A 16 2.85 -21.29 0.85
N ALA A 17 2.63 -19.99 1.06
CA ALA A 17 3.19 -19.30 2.21
C ALA A 17 2.46 -19.73 3.48
N ARG A 18 1.15 -19.90 3.37
CA ARG A 18 0.34 -20.35 4.49
C ARG A 18 0.66 -21.79 4.88
N LYS A 19 0.97 -22.61 3.88
CA LYS A 19 1.38 -24.00 4.12
C LYS A 19 2.66 -24.06 4.94
N SER A 20 3.61 -23.19 4.58
CA SER A 20 4.84 -23.05 5.36
C SER A 20 4.52 -22.58 6.77
N GLY A 21 3.72 -21.52 6.86
CA GLY A 21 3.15 -21.09 8.13
C GLY A 21 4.06 -20.28 9.03
N THR A 22 5.12 -19.70 8.48
CA THR A 22 6.09 -18.93 9.26
C THR A 22 6.05 -17.46 8.92
N GLU A 23 6.53 -16.63 9.84
CA GLU A 23 6.64 -15.19 9.62
C GLU A 23 7.60 -14.91 8.45
N GLU A 24 8.69 -15.66 8.40
CA GLU A 24 9.67 -15.49 7.33
C GLU A 24 9.04 -15.76 5.96
N SER A 25 8.21 -16.78 5.89
N SER A 25 8.21 -16.78 5.89
CA SER A 25 7.57 -17.16 4.63
CA SER A 25 7.58 -17.15 4.62
C SER A 25 6.58 -16.08 4.18
C SER A 25 6.58 -16.08 4.18
N LEU A 26 5.93 -15.44 5.15
CA LEU A 26 4.96 -14.40 4.83
C LEU A 26 5.67 -13.16 4.29
N ARG A 27 6.79 -12.78 4.89
CA ARG A 27 7.56 -11.65 4.39
C ARG A 27 8.07 -11.95 2.98
N GLN A 28 8.56 -13.16 2.77
CA GLN A 28 9.03 -13.56 1.45
C GLN A 28 7.90 -13.56 0.43
N ALA A 29 6.69 -13.91 0.86
CA ALA A 29 5.54 -13.96 -0.03
C ALA A 29 5.17 -12.55 -0.51
N ILE A 30 5.30 -11.57 0.37
CA ILE A 30 5.07 -10.18 -0.01
C ILE A 30 6.02 -9.81 -1.13
N GLU A 31 7.29 -10.16 -0.96
CA GLU A 31 8.31 -9.84 -1.95
C GLU A 31 8.03 -10.57 -3.27
N ASP A 32 7.65 -11.84 -3.18
CA ASP A 32 7.40 -12.65 -4.37
C ASP A 32 6.20 -12.14 -5.17
N VAL A 33 5.15 -11.71 -4.46
CA VAL A 33 3.97 -11.17 -5.13
C VAL A 33 4.32 -9.84 -5.81
N ALA A 34 5.10 -9.01 -5.12
CA ALA A 34 5.49 -7.72 -5.66
C ALA A 34 6.32 -7.89 -6.92
N GLN A 35 7.22 -8.86 -6.90
CA GLN A 35 8.08 -9.12 -8.05
C GLN A 35 7.27 -9.58 -9.26
N LEU A 36 6.21 -10.35 -9.01
CA LEU A 36 5.33 -10.78 -10.10
C LEU A 36 4.58 -9.59 -10.67
N ALA A 37 4.14 -8.70 -9.79
CA ALA A 37 3.36 -7.53 -10.18
C ALA A 37 4.18 -6.52 -10.97
N LYS A 38 5.49 -6.48 -10.70
CA LYS A 38 6.38 -5.57 -11.39
C LYS A 38 6.37 -5.78 -12.90
N LYS A 39 6.50 -7.04 -13.32
CA LYS A 39 6.59 -7.36 -14.74
C LYS A 39 5.21 -7.66 -15.34
N SER A 40 4.16 -7.20 -14.67
CA SER A 40 2.79 -7.34 -15.18
C SER A 40 2.24 -5.98 -15.57
N GLN A 41 1.36 -5.97 -16.57
CA GLN A 41 0.76 -4.74 -17.05
C GLN A 41 -0.76 -4.76 -16.89
N ASP A 42 -1.30 -5.94 -16.59
CA ASP A 42 -2.74 -6.12 -16.46
C ASP A 42 -3.26 -5.57 -15.14
N SER A 43 -4.24 -4.68 -15.22
CA SER A 43 -4.76 -4.00 -14.03
C SER A 43 -5.43 -4.95 -13.06
N GLU A 44 -6.09 -5.98 -13.59
CA GLU A 44 -6.75 -6.97 -12.74
C GLU A 44 -5.72 -7.75 -11.94
N VAL A 45 -4.57 -8.00 -12.55
CA VAL A 45 -3.48 -8.70 -11.89
C VAL A 45 -2.87 -7.81 -10.79
N LEU A 46 -2.68 -6.54 -11.11
CA LEU A 46 -2.08 -5.62 -10.17
C LEU A 46 -2.96 -5.44 -8.94
N GLU A 47 -4.27 -5.29 -9.16
N GLU A 47 -4.26 -5.27 -9.15
CA GLU A 47 -5.20 -5.13 -8.05
CA GLU A 47 -5.18 -5.14 -8.03
C GLU A 47 -5.24 -6.42 -7.22
C GLU A 47 -5.20 -6.42 -7.21
N GLU A 48 -5.12 -7.56 -7.89
CA GLU A 48 -5.11 -8.85 -7.21
C GLU A 48 -3.86 -8.98 -6.33
N ALA A 49 -2.72 -8.52 -6.86
CA ALA A 49 -1.46 -8.58 -6.11
C ALA A 49 -1.58 -7.72 -4.86
N ILE A 50 -2.17 -6.55 -5.01
CA ILE A 50 -2.33 -5.61 -3.90
C ILE A 50 -3.23 -6.22 -2.83
N ARG A 51 -4.32 -6.85 -3.24
CA ARG A 51 -5.24 -7.48 -2.30
C ARG A 51 -4.60 -8.65 -1.55
N VAL A 52 -3.78 -9.42 -2.25
CA VAL A 52 -3.11 -10.56 -1.64
C VAL A 52 -2.07 -10.08 -0.63
N ILE A 53 -1.39 -8.99 -0.95
CA ILE A 53 -0.40 -8.43 -0.01
C ILE A 53 -1.12 -7.97 1.25
N LEU A 54 -2.32 -7.43 1.11
CA LEU A 54 -3.12 -7.05 2.29
C LEU A 54 -3.45 -8.29 3.11
N ARG A 55 -3.78 -9.39 2.44
N ARG A 55 -3.78 -9.39 2.44
CA ARG A 55 -4.13 -10.62 3.14
CA ARG A 55 -4.13 -10.62 3.13
C ARG A 55 -2.92 -11.19 3.85
C ARG A 55 -2.92 -11.24 3.82
N ILE A 56 -1.75 -11.11 3.21
CA ILE A 56 -0.52 -11.60 3.82
C ILE A 56 -0.24 -10.78 5.07
N ALA A 57 -0.41 -9.46 4.93
CA ALA A 57 -0.20 -8.54 6.04
C ALA A 57 -1.08 -8.91 7.24
N LYS A 58 -2.35 -9.16 6.98
CA LYS A 58 -3.29 -9.56 8.02
C LYS A 58 -2.89 -10.89 8.65
N GLU A 59 -2.40 -11.80 7.83
CA GLU A 59 -2.02 -13.12 8.31
C GLU A 59 -0.86 -13.01 9.32
N SER A 60 0.08 -12.12 9.03
CA SER A 60 1.23 -11.91 9.89
C SER A 60 0.92 -11.04 11.09
N GLY A 61 0.53 -9.80 10.81
CA GLY A 61 0.20 -8.85 11.85
C GLY A 61 1.40 -8.15 12.50
N SER A 62 2.61 -8.56 12.12
CA SER A 62 3.81 -7.99 12.73
C SER A 62 4.06 -6.58 12.19
N GLU A 63 4.74 -5.75 12.96
CA GLU A 63 5.04 -4.39 12.52
C GLU A 63 5.87 -4.40 11.25
N GLU A 64 6.81 -5.33 11.17
CA GLU A 64 7.70 -5.36 10.02
C GLU A 64 6.98 -5.85 8.78
N ALA A 65 6.08 -6.82 8.93
CA ALA A 65 5.30 -7.31 7.80
C ALA A 65 4.39 -6.20 7.25
N LEU A 66 3.81 -5.43 8.15
CA LEU A 66 2.93 -4.35 7.74
C LEU A 66 3.73 -3.27 7.03
N ARG A 67 4.91 -2.94 7.58
CA ARG A 67 5.81 -1.99 6.95
C ARG A 67 6.18 -2.45 5.54
N GLN A 68 6.55 -3.72 5.40
CA GLN A 68 6.95 -4.24 4.10
C GLN A 68 5.77 -4.30 3.12
N ALA A 69 4.57 -4.57 3.63
CA ALA A 69 3.39 -4.61 2.79
C ALA A 69 3.07 -3.23 2.23
N ILE A 70 3.16 -2.22 3.09
CA ILE A 70 2.94 -0.85 2.64
C ILE A 70 3.95 -0.47 1.56
N ARG A 71 5.21 -0.81 1.77
CA ARG A 71 6.24 -0.52 0.78
C ARG A 71 5.95 -1.24 -0.53
N ALA A 72 5.51 -2.50 -0.44
CA ALA A 72 5.27 -3.30 -1.64
C ALA A 72 4.10 -2.73 -2.45
N VAL A 73 3.04 -2.32 -1.77
CA VAL A 73 1.88 -1.77 -2.46
C VAL A 73 2.26 -0.46 -3.13
N ALA A 74 3.06 0.36 -2.45
CA ALA A 74 3.49 1.62 -3.04
C ALA A 74 4.32 1.36 -4.28
N GLU A 75 5.17 0.34 -4.21
CA GLU A 75 6.03 -0.03 -5.34
C GLU A 75 5.20 -0.42 -6.56
N ILE A 76 4.18 -1.23 -6.34
CA ILE A 76 3.26 -1.63 -7.39
C ILE A 76 2.56 -0.40 -7.98
N ALA A 77 2.14 0.50 -7.10
CA ALA A 77 1.34 1.66 -7.50
C ALA A 77 2.15 2.66 -8.32
N LYS A 78 3.45 2.74 -8.05
CA LYS A 78 4.32 3.65 -8.78
C LYS A 78 4.41 3.28 -10.25
N GLU A 79 4.53 1.99 -10.53
CA GLU A 79 4.71 1.49 -11.89
C GLU A 79 3.39 1.26 -12.62
N ALA A 80 2.28 1.49 -11.93
CA ALA A 80 0.96 1.33 -12.52
C ALA A 80 0.52 2.62 -13.20
N GLN A 81 -0.29 2.50 -14.25
CA GLN A 81 -0.76 3.65 -15.02
C GLN A 81 -2.25 3.89 -14.82
N ASP A 82 -3.00 2.83 -14.54
CA ASP A 82 -4.44 2.92 -14.38
C ASP A 82 -4.81 3.58 -13.05
N SER A 83 -5.64 4.62 -13.10
CA SER A 83 -5.99 5.38 -11.91
C SER A 83 -6.75 4.55 -10.89
N GLU A 84 -7.58 3.63 -11.37
CA GLU A 84 -8.36 2.77 -10.48
C GLU A 84 -7.44 1.93 -9.61
N VAL A 85 -6.32 1.49 -10.18
CA VAL A 85 -5.34 0.70 -9.45
C VAL A 85 -4.67 1.57 -8.38
N LEU A 86 -4.31 2.79 -8.75
CA LEU A 86 -3.64 3.70 -7.81
C LEU A 86 -4.54 4.07 -6.64
N GLU A 87 -5.82 4.32 -6.89
CA GLU A 87 -6.74 4.66 -5.82
C GLU A 87 -6.96 3.46 -4.90
N GLU A 88 -7.01 2.27 -5.48
CA GLU A 88 -7.16 1.06 -4.70
C GLU A 88 -5.94 0.86 -3.81
N ALA A 89 -4.76 1.07 -4.39
CA ALA A 89 -3.50 0.94 -3.66
C ALA A 89 -3.43 1.91 -2.48
N ILE A 90 -3.91 3.12 -2.70
CA ILE A 90 -3.92 4.13 -1.66
C ILE A 90 -4.84 3.71 -0.52
N ARG A 91 -6.04 3.22 -0.85
CA ARG A 91 -6.97 2.79 0.19
C ARG A 91 -6.46 1.55 0.93
N VAL A 92 -5.77 0.66 0.23
CA VAL A 92 -5.25 -0.56 0.86
C VAL A 92 -4.11 -0.23 1.82
N ILE A 93 -3.32 0.80 1.51
CA ILE A 93 -2.25 1.23 2.40
C ILE A 93 -2.84 1.69 3.74
N LEU A 94 -3.96 2.40 3.68
CA LEU A 94 -4.66 2.80 4.90
C LEU A 94 -5.08 1.57 5.70
N ARG A 95 -5.64 0.58 5.00
CA ARG A 95 -6.08 -0.65 5.64
C ARG A 95 -4.92 -1.42 6.28
N ILE A 96 -3.76 -1.45 5.62
CA ILE A 96 -2.62 -2.15 6.18
C ILE A 96 -2.15 -1.44 7.44
N ALA A 97 -2.03 -0.12 7.38
CA ALA A 97 -1.57 0.66 8.53
C ALA A 97 -2.52 0.49 9.72
N LYS A 98 -3.80 0.34 9.43
CA LYS A 98 -4.81 0.17 10.47
C LYS A 98 -4.71 -1.21 11.14
N GLU A 99 -4.10 -2.16 10.45
N GLU A 99 -4.12 -2.18 10.46
CA GLU A 99 -3.91 -3.50 11.00
CA GLU A 99 -3.94 -3.51 11.04
C GLU A 99 -3.01 -3.43 12.23
C GLU A 99 -3.03 -3.42 12.26
N SER A 100 -2.18 -2.39 12.29
CA SER A 100 -1.31 -2.13 13.43
C SER A 100 -1.82 -0.96 14.25
N GLY A 101 -1.95 0.19 13.59
CA GLY A 101 -2.37 1.41 14.25
C GLY A 101 -1.20 2.13 14.91
N SER A 102 0.00 1.57 14.75
CA SER A 102 1.18 2.16 15.35
C SER A 102 1.50 3.51 14.72
N GLU A 103 2.16 4.37 15.48
CA GLU A 103 2.57 5.67 14.98
C GLU A 103 3.53 5.50 13.82
N GLU A 104 4.44 4.53 13.94
CA GLU A 104 5.42 4.25 12.90
C GLU A 104 4.74 3.79 11.60
N ALA A 105 3.79 2.89 11.73
CA ALA A 105 3.09 2.37 10.54
C ALA A 105 2.27 3.47 9.85
N LEU A 106 1.61 4.31 10.63
CA LEU A 106 0.82 5.38 10.04
C LEU A 106 1.72 6.41 9.36
N ARG A 107 2.89 6.64 9.95
N ARG A 107 2.89 6.66 9.94
CA ARG A 107 3.88 7.52 9.35
CA ARG A 107 3.87 7.55 9.32
C ARG A 107 4.33 6.96 8.00
C ARG A 107 4.42 6.93 8.03
N GLN A 108 4.67 5.68 7.98
N GLN A 108 4.56 5.61 8.03
CA GLN A 108 5.04 5.01 6.73
CA GLN A 108 4.98 4.88 6.85
C GLN A 108 3.91 5.14 5.71
C GLN A 108 3.94 5.00 5.75
N ALA A 109 2.68 5.05 6.17
CA ALA A 109 1.54 5.08 5.25
C ALA A 109 1.40 6.45 4.56
N ILE A 110 1.56 7.53 5.32
CA ILE A 110 1.49 8.86 4.73
C ILE A 110 2.60 9.03 3.69
N ARG A 111 3.81 8.59 4.03
N ARG A 111 3.80 8.57 4.01
N ARG A 111 3.80 8.58 4.03
CA ARG A 111 4.94 8.67 3.11
CA ARG A 111 4.93 8.69 3.09
CA ARG A 111 4.95 8.64 3.14
C ARG A 111 4.66 7.88 1.83
C ARG A 111 4.72 7.85 1.83
C ARG A 111 4.66 7.88 1.84
N ALA A 112 4.08 6.69 1.99
CA ALA A 112 3.79 5.83 0.85
C ALA A 112 2.76 6.46 -0.08
N VAL A 113 1.66 6.95 0.50
CA VAL A 113 0.59 7.56 -0.29
C VAL A 113 1.13 8.80 -0.97
N ALA A 114 2.01 9.52 -0.29
CA ALA A 114 2.60 10.73 -0.84
C ALA A 114 3.44 10.41 -2.08
N GLU A 115 4.17 9.31 -2.01
N GLU A 115 4.16 9.29 -2.05
CA GLU A 115 5.02 8.86 -3.12
CA GLU A 115 5.03 8.94 -3.17
C GLU A 115 4.19 8.47 -4.34
C GLU A 115 4.22 8.44 -4.36
N ILE A 116 3.05 7.85 -4.09
CA ILE A 116 2.15 7.45 -5.16
C ILE A 116 1.62 8.70 -5.86
N ALA A 117 1.22 9.68 -5.05
CA ALA A 117 0.64 10.91 -5.55
C ALA A 117 1.64 11.69 -6.42
N LYS A 118 2.92 11.58 -6.09
CA LYS A 118 3.96 12.30 -6.84
C LYS A 118 4.12 11.74 -8.24
N GLU A 119 3.91 10.44 -8.39
CA GLU A 119 4.08 9.77 -9.68
C GLU A 119 2.83 9.89 -10.54
N ALA A 120 1.68 10.09 -9.91
CA ALA A 120 0.40 10.11 -10.61
C ALA A 120 0.23 11.37 -11.46
N GLN A 121 -0.69 11.30 -12.41
CA GLN A 121 -1.01 12.44 -13.27
C GLN A 121 -2.48 12.81 -13.13
N ASP A 122 -3.33 11.80 -12.99
CA ASP A 122 -4.77 11.99 -12.89
C ASP A 122 -5.12 12.74 -11.60
N PRO A 123 -5.75 13.91 -11.72
CA PRO A 123 -6.13 14.67 -10.53
C PRO A 123 -7.02 13.88 -9.57
N ARG A 124 -7.79 12.93 -10.10
CA ARG A 124 -8.67 12.11 -9.27
C ARG A 124 -7.85 11.29 -8.28
N VAL A 125 -6.67 10.85 -8.70
CA VAL A 125 -5.79 10.10 -7.82
C VAL A 125 -5.27 11.03 -6.72
N LEU A 126 -4.91 12.25 -7.12
CA LEU A 126 -4.38 13.22 -6.17
C LEU A 126 -5.41 13.55 -5.10
N GLU A 127 -6.69 13.61 -5.49
N GLU A 127 -6.69 13.61 -5.49
CA GLU A 127 -7.77 13.90 -4.56
CA GLU A 127 -7.77 13.90 -4.56
C GLU A 127 -7.92 12.78 -3.55
C GLU A 127 -7.91 12.77 -3.55
N GLU A 128 -7.81 11.54 -4.03
CA GLU A 128 -7.95 10.37 -3.16
C GLU A 128 -6.76 10.28 -2.21
N ALA A 129 -5.58 10.62 -2.69
CA ALA A 129 -4.37 10.58 -1.88
C ALA A 129 -4.48 11.55 -0.70
N ILE A 130 -4.95 12.76 -0.98
CA ILE A 130 -5.15 13.74 0.07
C ILE A 130 -6.22 13.25 1.05
N ARG A 131 -7.28 12.66 0.52
CA ARG A 131 -8.38 12.19 1.34
C ARG A 131 -7.91 11.12 2.33
N VAL A 132 -7.09 10.20 1.85
CA VAL A 132 -6.65 9.09 2.69
C VAL A 132 -5.52 9.53 3.63
N ILE A 133 -4.68 10.45 3.18
CA ILE A 133 -3.63 11.02 4.04
C ILE A 133 -4.26 11.68 5.26
N ARG A 134 -5.39 12.37 5.04
CA ARG A 134 -6.10 13.00 6.14
C ARG A 134 -6.64 11.94 7.10
N GLN A 135 -7.17 10.85 6.54
CA GLN A 135 -7.71 9.76 7.35
C GLN A 135 -6.61 9.07 8.16
N ILE A 136 -5.42 8.92 7.57
CA ILE A 136 -4.32 8.29 8.27
C ILE A 136 -3.97 9.12 9.51
N ALA A 137 -3.94 10.43 9.34
CA ALA A 137 -3.60 11.33 10.45
C ALA A 137 -4.69 11.26 11.51
N GLU A 138 -5.93 11.08 11.08
N GLU A 138 -5.93 11.06 11.06
CA GLU A 138 -7.05 10.97 12.02
CA GLU A 138 -7.07 10.94 11.97
C GLU A 138 -6.94 9.68 12.83
C GLU A 138 -6.91 9.68 12.81
N GLU A 139 -6.46 8.63 12.18
N GLU A 139 -6.52 8.59 12.17
CA GLU A 139 -6.27 7.33 12.83
CA GLU A 139 -6.29 7.32 12.86
C GLU A 139 -5.21 7.45 13.91
C GLU A 139 -5.22 7.47 13.94
N SER A 140 -4.19 8.27 13.65
CA SER A 140 -3.11 8.50 14.60
C SER A 140 -3.56 9.34 15.77
N GLY A 141 -4.06 10.53 15.46
CA GLY A 141 -4.48 11.47 16.48
C GLY A 141 -3.34 12.33 17.00
N SER A 142 -2.11 11.90 16.75
CA SER A 142 -0.94 12.60 17.26
C SER A 142 -0.67 13.90 16.50
N GLU A 143 0.00 14.83 17.17
CA GLU A 143 0.28 16.13 16.58
C GLU A 143 1.23 16.05 15.39
N GLU A 144 2.24 15.19 15.50
N GLU A 144 2.25 15.21 15.50
CA GLU A 144 3.25 15.07 14.45
CA GLU A 144 3.26 15.09 14.45
C GLU A 144 2.67 14.42 13.21
C GLU A 144 2.69 14.40 13.21
N ALA A 145 1.75 13.49 13.41
CA ALA A 145 1.09 12.83 12.29
C ALA A 145 0.27 13.85 11.51
N ARG A 146 -0.40 14.73 12.23
CA ARG A 146 -1.19 15.78 11.61
C ARG A 146 -0.29 16.72 10.79
N ARG A 147 0.87 17.06 11.34
N ARG A 147 0.83 17.11 11.39
CA ARG A 147 1.76 17.99 10.66
CA ARG A 147 1.76 18.03 10.74
C ARG A 147 2.48 17.33 9.49
C ARG A 147 2.31 17.45 9.45
N GLN A 148 2.71 16.03 9.58
N GLN A 148 2.75 16.19 9.52
CA GLN A 148 3.28 15.27 8.45
CA GLN A 148 3.29 15.51 8.36
C GLN A 148 2.26 15.25 7.31
C GLN A 148 2.24 15.35 7.27
N ALA A 149 1.00 15.08 7.68
CA ALA A 149 -0.09 14.97 6.72
C ALA A 149 -0.35 16.31 6.04
N GLU A 150 -0.24 17.39 6.80
CA GLU A 150 -0.43 18.73 6.25
C GLU A 150 0.69 19.07 5.27
N ARG A 151 1.93 18.78 5.65
CA ARG A 151 3.07 19.03 4.78
C ARG A 151 2.99 18.17 3.52
N ALA A 152 2.51 16.94 3.67
CA ALA A 152 2.36 16.03 2.54
C ALA A 152 1.26 16.52 1.61
N GLU A 153 0.15 16.95 2.19
CA GLU A 153 -0.98 17.47 1.42
C GLU A 153 -0.59 18.76 0.68
N GLU A 154 0.17 19.61 1.34
CA GLU A 154 0.59 20.88 0.75
C GLU A 154 1.49 20.68 -0.46
N GLU A 155 2.35 19.66 -0.40
CA GLU A 155 3.29 19.38 -1.49
C GLU A 155 2.54 18.87 -2.72
N ILE A 156 1.51 18.07 -2.50
CA ILE A 156 0.69 17.57 -3.60
C ILE A 156 -0.02 18.73 -4.29
N ARG A 157 -0.45 19.71 -3.49
CA ARG A 157 -1.13 20.87 -4.05
C ARG A 157 -0.14 21.81 -4.74
N ARG A 158 1.10 21.83 -4.27
CA ARG A 158 2.14 22.62 -4.91
C ARG A 158 2.50 22.00 -6.25
N ARG A 159 2.43 20.68 -6.34
CA ARG A 159 2.71 19.98 -7.59
C ARG A 159 1.54 20.10 -8.55
N ALA A 160 0.33 20.19 -7.99
CA ALA A 160 -0.88 20.24 -8.81
C ALA A 160 -0.98 21.53 -9.61
N GLN A 161 -0.45 22.62 -9.05
CA GLN A 161 -0.51 23.92 -9.69
C GLN A 161 0.59 24.07 -10.75
#